data_7KZG
#
_entry.id   7KZG
#
_cell.length_a   41.465
_cell.length_b   56.414
_cell.length_c   102.733
_cell.angle_alpha   90.000
_cell.angle_beta   90.000
_cell.angle_gamma   90.000
#
_symmetry.space_group_name_H-M   'P 21 21 21'
#
loop_
_entity.id
_entity.type
_entity.pdbx_description
1 polymer 'Methyl-CpG-binding domain protein 4'
2 polymer "DNA (5'-D(*CP*CP*AP*GP*CP*GP*(NR1)P*GP*CP*AP*GP*C)-3')"
3 polymer "DNA (5'-D(*GP*CP*TP*GP*CP*GP*CP*GP*CP*TP*GP*G)-3')"
4 non-polymer GLYCEROL
5 non-polymer DI(HYDROXYETHYL)ETHER
6 non-polymer 1,2-ETHANEDIOL
7 non-polymer 'SODIUM ION'
8 non-polymer 'CHLORIDE ION'
9 water water
#
loop_
_entity_poly.entity_id
_entity_poly.type
_entity_poly.pdbx_seq_one_letter_code
_entity_poly.pdbx_strand_id
1 'polypeptide(L)'
;MGSSHHHHHHSSGLVPRGSALSPPRRKAFKKWTPPRSPFNLVQETLFHDPWKLLIATIFLNRTSGKMAIPVLWKFLEKYP
SAEVARTADWRDVSELLKPLGLYDLRAKTIVKFSDEYLTKQWKYPIELHGIGKYGNDSYRIFCVNEWKQVHPEDHKLNKY
HDWLWENHEKLSLS
;
A
2 'polydeoxyribonucleotide' (DC)(DC)(DA)(DG)(DC)(DG)(NR1)(DG)(DC)(DA)(DG)(DC) C
3 'polydeoxyribonucleotide' (DG)(DC)(DT)(DG)(DC)(DG)(DC)(DG)(DC)(DT)(DG)(DG) D
#
# COMPACT_ATOMS: atom_id res chain seq x y z
N LYS A 31 -18.23 2.82 1.67
CA LYS A 31 -18.72 4.13 1.28
C LYS A 31 -17.61 5.17 1.30
N TRP A 32 -16.50 4.89 1.99
CA TRP A 32 -15.35 5.78 1.95
C TRP A 32 -14.62 5.59 0.63
N THR A 33 -14.58 6.65 -0.17
CA THR A 33 -13.78 6.69 -1.39
C THR A 33 -12.82 7.86 -1.24
N PRO A 34 -11.52 7.62 -1.15
CA PRO A 34 -10.57 8.74 -1.08
C PRO A 34 -10.53 9.47 -2.41
N PRO A 35 -10.46 10.80 -2.40
CA PRO A 35 -10.52 11.54 -3.66
C PRO A 35 -9.24 11.43 -4.47
N ARG A 36 -9.39 11.48 -5.79
CA ARG A 36 -8.23 11.58 -6.67
CA ARG A 36 -8.23 11.58 -6.67
C ARG A 36 -7.56 12.93 -6.47
N SER A 37 -6.23 12.93 -6.54
CA SER A 37 -5.50 14.16 -6.28
C SER A 37 -4.63 14.55 -7.46
N PRO A 38 -4.08 15.78 -7.47
CA PRO A 38 -3.14 16.14 -8.55
C PRO A 38 -1.81 15.42 -8.45
N PHE A 39 -1.58 14.62 -7.43
CA PHE A 39 -0.29 14.00 -7.20
C PHE A 39 -0.22 12.55 -7.62
N ASN A 40 -1.35 11.96 -8.01
CA ASN A 40 -1.42 10.63 -8.60
C ASN A 40 -0.70 9.58 -7.75
N LEU A 41 -1.07 9.50 -6.47
CA LEU A 41 -0.60 8.41 -5.65
C LEU A 41 -1.29 7.12 -6.10
N VAL A 42 -0.52 6.04 -6.24
CA VAL A 42 -1.14 4.77 -6.66
C VAL A 42 -2.12 4.27 -5.62
N GLN A 43 -1.97 4.69 -4.36
CA GLN A 43 -2.95 4.37 -3.31
C GLN A 43 -4.34 4.81 -3.70
N GLU A 44 -4.45 5.87 -4.52
CA GLU A 44 -5.76 6.39 -4.89
C GLU A 44 -6.55 5.40 -5.73
N THR A 45 -5.87 4.50 -6.44
CA THR A 45 -6.58 3.53 -7.26
C THR A 45 -6.66 2.16 -6.59
N LEU A 46 -5.85 1.88 -5.58
CA LEU A 46 -5.82 0.57 -4.94
C LEU A 46 -6.60 0.51 -3.63
N PHE A 47 -7.19 1.63 -3.20
CA PHE A 47 -7.77 1.74 -1.86
C PHE A 47 -8.83 0.68 -1.59
N HIS A 48 -9.46 0.16 -2.65
CA HIS A 48 -10.60 -0.73 -2.48
C HIS A 48 -10.18 -2.12 -2.01
N ASP A 49 -8.92 -2.48 -2.21
CA ASP A 49 -8.42 -3.80 -1.81
C ASP A 49 -7.23 -3.57 -0.90
N PRO A 50 -7.42 -3.60 0.42
CA PRO A 50 -6.32 -3.24 1.33
C PRO A 50 -5.09 -4.09 1.13
N TRP A 51 -5.24 -5.38 0.79
CA TRP A 51 -4.07 -6.21 0.57
C TRP A 51 -3.23 -5.68 -0.60
N LYS A 52 -3.89 -5.34 -1.72
CA LYS A 52 -3.17 -4.80 -2.88
C LYS A 52 -2.55 -3.45 -2.56
N LEU A 53 -3.28 -2.58 -1.87
CA LEU A 53 -2.69 -1.31 -1.43
C LEU A 53 -1.44 -1.55 -0.58
N LEU A 54 -1.50 -2.50 0.37
CA LEU A 54 -0.36 -2.72 1.25
C LEU A 54 0.80 -3.38 0.49
N ILE A 55 0.49 -4.30 -0.43
CA ILE A 55 1.54 -4.84 -1.31
C ILE A 55 2.25 -3.70 -2.04
N ALA A 56 1.48 -2.74 -2.58
CA ALA A 56 2.08 -1.61 -3.28
C ALA A 56 3.00 -0.82 -2.36
N THR A 57 2.61 -0.61 -1.09
CA THR A 57 3.50 0.15 -0.21
C THR A 57 4.83 -0.59 -0.02
N ILE A 58 4.79 -1.93 0.08
CA ILE A 58 6.01 -2.72 0.18
C ILE A 58 6.85 -2.58 -1.07
N PHE A 59 6.20 -2.60 -2.25
CA PHE A 59 6.91 -2.38 -3.51
C PHE A 59 7.60 -1.02 -3.55
N LEU A 60 7.06 -0.01 -2.87
CA LEU A 60 7.60 1.34 -2.85
C LEU A 60 8.62 1.58 -1.73
N ASN A 61 8.98 0.54 -0.96
CA ASN A 61 10.05 0.68 0.04
C ASN A 61 11.37 0.97 -0.66
N ARG A 62 11.88 2.20 -0.51
CA ARG A 62 13.16 2.61 -1.08
C ARG A 62 13.26 2.23 -2.57
N THR A 63 12.17 2.40 -3.29
CA THR A 63 12.10 2.06 -4.71
C THR A 63 11.20 3.09 -5.39
N SER A 64 11.62 3.61 -6.55
CA SER A 64 10.79 4.61 -7.21
C SER A 64 9.54 3.96 -7.78
N GLY A 65 8.41 4.68 -7.73
CA GLY A 65 7.19 4.16 -8.29
C GLY A 65 7.25 3.98 -9.79
N LYS A 66 8.04 4.80 -10.48
CA LYS A 66 8.20 4.65 -11.92
C LYS A 66 8.68 3.24 -12.27
N MET A 67 9.53 2.64 -11.43
CA MET A 67 9.97 1.28 -11.71
C MET A 67 9.11 0.22 -11.02
N ALA A 68 8.64 0.51 -9.81
CA ALA A 68 7.94 -0.49 -9.01
C ALA A 68 6.53 -0.78 -9.54
N ILE A 69 5.80 0.25 -9.97
CA ILE A 69 4.39 0.04 -10.27
C ILE A 69 4.19 -0.86 -11.50
N PRO A 70 4.98 -0.76 -12.56
CA PRO A 70 4.83 -1.74 -13.66
C PRO A 70 5.09 -3.18 -13.22
N VAL A 71 6.03 -3.41 -12.30
CA VAL A 71 6.26 -4.76 -11.78
C VAL A 71 5.11 -5.18 -10.89
N LEU A 72 4.48 -4.24 -10.17
CA LEU A 72 3.35 -4.60 -9.33
C LEU A 72 2.24 -5.27 -10.15
N TRP A 73 1.96 -4.77 -11.36
CA TRP A 73 0.89 -5.41 -12.13
C TRP A 73 1.26 -6.83 -12.55
N LYS A 74 2.54 -7.08 -12.83
CA LYS A 74 2.95 -8.44 -13.16
C LYS A 74 2.83 -9.35 -11.95
N PHE A 75 3.13 -8.81 -10.77
CA PHE A 75 3.01 -9.59 -9.54
C PHE A 75 1.55 -9.96 -9.29
N LEU A 76 0.66 -8.97 -9.39
CA LEU A 76 -0.75 -9.22 -9.12
C LEU A 76 -1.39 -10.10 -10.17
N GLU A 77 -0.84 -10.13 -11.39
CA GLU A 77 -1.35 -11.08 -12.38
C GLU A 77 -1.05 -12.52 -11.97
N LYS A 78 0.14 -12.75 -11.40
CA LYS A 78 0.57 -14.08 -10.96
C LYS A 78 0.00 -14.45 -9.60
N TYR A 79 -0.16 -13.45 -8.72
CA TYR A 79 -0.60 -13.65 -7.34
C TYR A 79 -1.74 -12.67 -7.09
N PRO A 80 -2.96 -13.02 -7.51
CA PRO A 80 -4.06 -12.04 -7.47
C PRO A 80 -4.64 -11.80 -6.08
N SER A 81 -4.25 -12.58 -5.08
CA SER A 81 -4.83 -12.43 -3.75
C SER A 81 -3.83 -12.87 -2.69
N ALA A 82 -4.09 -12.45 -1.46
CA ALA A 82 -3.30 -12.95 -0.34
C ALA A 82 -3.48 -14.46 -0.17
N GLU A 83 -4.66 -14.97 -0.54
CA GLU A 83 -4.95 -16.38 -0.40
C GLU A 83 -3.95 -17.24 -1.15
N VAL A 84 -3.52 -16.79 -2.33
CA VAL A 84 -2.52 -17.54 -3.07
C VAL A 84 -1.11 -17.04 -2.77
N ALA A 85 -0.93 -15.75 -2.46
CA ALA A 85 0.41 -15.26 -2.17
C ALA A 85 1.00 -15.91 -0.91
N ARG A 86 0.16 -16.25 0.06
CA ARG A 86 0.71 -16.87 1.26
C ARG A 86 1.20 -18.30 1.00
N THR A 87 0.81 -18.90 -0.12
CA THR A 87 1.30 -20.22 -0.52
C THR A 87 2.48 -20.17 -1.47
N ALA A 88 2.94 -18.98 -1.86
CA ALA A 88 3.97 -18.87 -2.87
C ALA A 88 5.33 -19.33 -2.38
N ASP A 89 6.15 -19.80 -3.31
CA ASP A 89 7.59 -19.98 -3.11
C ASP A 89 8.26 -18.61 -3.23
N TRP A 90 8.91 -18.16 -2.15
CA TRP A 90 9.47 -16.81 -2.17
C TRP A 90 10.47 -16.62 -3.30
N ARG A 91 11.11 -17.70 -3.75
CA ARG A 91 12.07 -17.59 -4.85
C ARG A 91 11.38 -17.17 -6.15
N ASP A 92 10.16 -17.64 -6.37
CA ASP A 92 9.41 -17.21 -7.54
C ASP A 92 9.07 -15.72 -7.45
N VAL A 93 8.67 -15.27 -6.27
CA VAL A 93 8.39 -13.85 -6.08
C VAL A 93 9.66 -13.03 -6.26
N SER A 94 10.78 -13.49 -5.71
CA SER A 94 12.03 -12.74 -5.82
C SER A 94 12.46 -12.60 -7.28
N GLU A 95 12.18 -13.60 -8.12
CA GLU A 95 12.55 -13.46 -9.53
C GLU A 95 11.81 -12.28 -10.17
N LEU A 96 10.56 -12.04 -9.78
CA LEU A 96 9.82 -10.91 -10.31
C LEU A 96 10.34 -9.58 -9.75
N LEU A 97 10.81 -9.60 -8.51
CA LEU A 97 11.25 -8.38 -7.85
C LEU A 97 12.68 -7.98 -8.20
N LYS A 98 13.43 -8.87 -8.86
CA LYS A 98 14.87 -8.64 -9.11
C LYS A 98 15.22 -7.23 -9.57
N PRO A 99 14.60 -6.67 -10.62
CA PRO A 99 15.04 -5.34 -11.09
C PRO A 99 14.68 -4.21 -10.13
N LEU A 100 13.92 -4.48 -9.08
CA LEU A 100 13.57 -3.45 -8.10
C LEU A 100 14.54 -3.38 -6.93
N GLY A 101 15.51 -4.29 -6.85
CA GLY A 101 16.31 -4.42 -5.65
C GLY A 101 15.53 -4.97 -4.46
N LEU A 102 16.23 -5.22 -3.35
CA LEU A 102 15.62 -5.73 -2.12
C LEU A 102 14.69 -6.91 -2.43
N TYR A 103 15.15 -7.81 -3.30
CA TYR A 103 14.25 -8.76 -3.94
C TYR A 103 14.05 -10.02 -3.11
N ASP A 104 15.11 -10.54 -2.50
CA ASP A 104 14.95 -11.67 -1.59
C ASP A 104 14.26 -11.21 -0.32
N LEU A 105 14.69 -10.06 0.21
CA LEU A 105 14.09 -9.53 1.44
C LEU A 105 12.60 -9.32 1.27
N ARG A 106 12.20 -8.63 0.21
CA ARG A 106 10.77 -8.34 0.07
C ARG A 106 9.96 -9.53 -0.41
N ALA A 107 10.57 -10.47 -1.12
CA ALA A 107 9.85 -11.70 -1.47
C ALA A 107 9.44 -12.45 -0.21
N LYS A 108 10.39 -12.64 0.70
CA LYS A 108 10.07 -13.30 1.97
C LYS A 108 9.05 -12.48 2.74
N THR A 109 9.20 -11.15 2.72
CA THR A 109 8.25 -10.29 3.42
C THR A 109 6.84 -10.47 2.88
N ILE A 110 6.71 -10.50 1.56
CA ILE A 110 5.38 -10.56 0.93
C ILE A 110 4.65 -11.85 1.31
N VAL A 111 5.36 -12.98 1.35
CA VAL A 111 4.71 -14.25 1.68
C VAL A 111 4.25 -14.25 3.14
N LYS A 112 5.10 -13.78 4.04
CA LYS A 112 4.76 -13.76 5.46
C LYS A 112 3.67 -12.73 5.75
N PHE A 113 3.80 -11.54 5.14
CA PHE A 113 2.76 -10.52 5.26
C PHE A 113 1.41 -11.07 4.81
N SER A 114 1.37 -11.74 3.65
CA SER A 114 0.09 -12.26 3.15
C SER A 114 -0.48 -13.32 4.06
N ASP A 115 0.38 -14.14 4.66
CA ASP A 115 -0.08 -15.12 5.65
C ASP A 115 -0.72 -14.43 6.85
N GLU A 116 -0.03 -13.44 7.44
CA GLU A 116 -0.57 -12.77 8.62
C GLU A 116 -1.82 -11.96 8.28
N TYR A 117 -1.85 -11.35 7.09
CA TYR A 117 -3.03 -10.60 6.66
C TYR A 117 -4.29 -11.45 6.77
N LEU A 118 -4.19 -12.75 6.45
CA LEU A 118 -5.36 -13.61 6.45
C LEU A 118 -5.57 -14.40 7.73
N THR A 119 -4.52 -14.67 8.50
CA THR A 119 -4.67 -15.61 9.61
C THR A 119 -4.40 -15.02 10.97
N LYS A 120 -3.92 -13.78 11.05
CA LYS A 120 -3.61 -13.12 12.30
C LYS A 120 -4.71 -12.10 12.59
N GLN A 121 -5.05 -11.92 13.87
CA GLN A 121 -6.01 -10.88 14.23
C GLN A 121 -5.36 -9.51 14.14
N TRP A 122 -6.04 -8.55 13.50
CA TRP A 122 -5.46 -7.21 13.43
C TRP A 122 -6.54 -6.17 13.18
N LYS A 123 -6.34 -4.99 13.76
CA LYS A 123 -7.18 -3.83 13.46
C LYS A 123 -6.52 -2.90 12.46
N TYR A 124 -5.20 -2.71 12.57
CA TYR A 124 -4.43 -1.87 11.68
C TYR A 124 -3.26 -2.68 11.15
N PRO A 125 -2.86 -2.47 9.89
CA PRO A 125 -1.86 -3.36 9.29
C PRO A 125 -0.46 -3.16 9.83
N ILE A 126 -0.19 -2.12 10.63
CA ILE A 126 1.13 -2.03 11.26
C ILE A 126 1.40 -3.23 12.15
N GLU A 127 0.34 -3.92 12.60
CA GLU A 127 0.48 -5.14 13.39
C GLU A 127 1.04 -6.30 12.58
N LEU A 128 1.13 -6.16 11.25
CA LEU A 128 1.52 -7.25 10.37
C LEU A 128 2.96 -7.08 9.91
N HIS A 129 3.63 -8.23 9.69
CA HIS A 129 5.04 -8.23 9.29
C HIS A 129 5.21 -7.55 7.95
N GLY A 130 6.14 -6.60 7.90
CA GLY A 130 6.43 -5.91 6.65
C GLY A 130 5.74 -4.57 6.46
N ILE A 131 4.77 -4.21 7.32
CA ILE A 131 4.10 -2.93 7.25
C ILE A 131 4.51 -2.10 8.46
N GLY A 132 5.06 -0.90 8.20
CA GLY A 132 5.35 0.03 9.28
C GLY A 132 4.52 1.30 9.15
N LYS A 133 5.07 2.44 9.62
CA LYS A 133 4.30 3.68 9.65
C LYS A 133 3.84 4.10 8.27
N TYR A 134 4.69 3.92 7.25
CA TYR A 134 4.30 4.40 5.92
C TYR A 134 3.13 3.58 5.36
N GLY A 135 3.21 2.25 5.43
CA GLY A 135 2.09 1.43 4.98
C GLY A 135 0.85 1.61 5.82
N ASN A 136 1.03 1.78 7.13
CA ASN A 136 -0.10 1.99 8.02
C ASN A 136 -0.77 3.34 7.79
N ASP A 137 0.03 4.41 7.65
CA ASP A 137 -0.56 5.71 7.31
C ASP A 137 -1.29 5.65 5.98
N SER A 138 -0.73 4.94 5.00
CA SER A 138 -1.42 4.78 3.73
C SER A 138 -2.78 4.11 3.93
N TYR A 139 -2.81 3.03 4.70
CA TYR A 139 -4.08 2.34 4.98
C TYR A 139 -5.09 3.27 5.64
N ARG A 140 -4.65 4.06 6.63
CA ARG A 140 -5.60 4.87 7.39
C ARG A 140 -6.08 6.11 6.64
N ILE A 141 -5.36 6.53 5.58
CA ILE A 141 -5.84 7.60 4.71
C ILE A 141 -6.75 7.06 3.61
N PHE A 142 -6.40 5.92 3.03
CA PHE A 142 -7.04 5.48 1.79
C PHE A 142 -8.06 4.36 1.98
N CYS A 143 -7.79 3.39 2.85
CA CYS A 143 -8.67 2.23 2.93
C CYS A 143 -9.81 2.44 3.89
N VAL A 144 -9.61 3.28 4.91
CA VAL A 144 -10.65 3.62 5.88
C VAL A 144 -10.65 5.14 6.02
N ASN A 145 -11.71 5.66 6.60
CA ASN A 145 -11.97 7.10 6.59
C ASN A 145 -11.32 7.83 7.77
N GLU A 146 -10.04 7.55 8.04
CA GLU A 146 -9.41 8.05 9.25
C GLU A 146 -8.31 9.05 8.98
N TRP A 147 -8.34 9.70 7.81
CA TRP A 147 -7.23 10.56 7.40
C TRP A 147 -7.00 11.72 8.37
N LYS A 148 -8.06 12.23 9.00
CA LYS A 148 -7.88 13.34 9.94
C LYS A 148 -7.05 12.94 11.15
N GLN A 149 -6.95 11.65 11.44
CA GLN A 149 -6.18 11.17 12.59
C GLN A 149 -4.75 10.81 12.25
N VAL A 150 -4.34 10.92 10.99
CA VAL A 150 -3.03 10.48 10.52
C VAL A 150 -2.09 11.67 10.48
N HIS A 151 -0.83 11.46 10.87
CA HIS A 151 0.22 12.47 10.81
C HIS A 151 1.39 11.88 10.05
N PRO A 152 1.33 11.89 8.73
CA PRO A 152 2.34 11.17 7.95
C PRO A 152 3.70 11.85 8.00
N GLU A 153 4.73 11.04 7.74
CA GLU A 153 6.10 11.48 7.60
C GLU A 153 6.67 10.83 6.34
N ASP A 154 6.03 11.13 5.22
CA ASP A 154 6.43 10.58 3.94
C ASP A 154 6.17 11.68 2.90
N HIS A 155 7.14 11.93 2.04
CA HIS A 155 7.03 13.05 1.10
C HIS A 155 5.72 12.99 0.32
N LYS A 156 5.39 11.82 -0.24
CA LYS A 156 4.19 11.72 -1.08
C LYS A 156 2.91 11.76 -0.25
N LEU A 157 2.87 11.02 0.87
CA LEU A 157 1.70 11.05 1.73
C LEU A 157 1.43 12.45 2.25
N ASN A 158 2.49 13.17 2.61
N ASN A 158 2.49 13.19 2.60
CA ASN A 158 2.31 14.53 3.12
CA ASN A 158 2.31 14.53 3.13
C ASN A 158 1.65 15.42 2.10
C ASN A 158 1.69 15.47 2.10
N LYS A 159 2.08 15.34 0.83
CA LYS A 159 1.48 16.16 -0.22
C LYS A 159 0.00 15.87 -0.36
N TYR A 160 -0.37 14.59 -0.44
CA TYR A 160 -1.78 14.22 -0.53
C TYR A 160 -2.57 14.67 0.70
N HIS A 161 -2.02 14.41 1.89
CA HIS A 161 -2.72 14.65 3.15
C HIS A 161 -2.86 16.14 3.43
N ASP A 162 -1.82 16.94 3.15
CA ASP A 162 -1.95 18.39 3.26
C ASP A 162 -3.04 18.89 2.33
N TRP A 163 -3.02 18.41 1.09
CA TRP A 163 -4.01 18.83 0.11
C TRP A 163 -5.42 18.46 0.55
N LEU A 164 -5.57 17.29 1.19
CA LEU A 164 -6.88 16.87 1.68
C LEU A 164 -7.37 17.80 2.80
N TRP A 165 -6.50 18.11 3.77
CA TRP A 165 -6.87 19.07 4.81
C TRP A 165 -7.29 20.42 4.23
N GLU A 166 -6.64 20.84 3.15
CA GLU A 166 -6.90 22.15 2.57
C GLU A 166 -8.15 22.18 1.69
N ASN A 167 -8.64 21.04 1.23
CA ASN A 167 -9.71 21.01 0.24
C ASN A 167 -10.90 20.11 0.59
N HIS A 168 -10.92 19.52 1.80
N HIS A 168 -10.92 19.52 1.80
CA HIS A 168 -11.91 18.49 2.08
CA HIS A 168 -11.91 18.49 2.08
C HIS A 168 -13.33 19.05 2.05
C HIS A 168 -13.33 19.05 2.05
N GLU A 169 -13.53 20.31 2.44
CA GLU A 169 -14.88 20.86 2.41
C GLU A 169 -15.38 21.06 0.98
N LYS A 170 -14.50 21.42 0.05
CA LYS A 170 -14.91 21.60 -1.34
C LYS A 170 -15.07 20.28 -2.08
N LEU A 171 -14.58 19.17 -1.54
CA LEU A 171 -14.74 17.86 -2.14
C LEU A 171 -15.93 17.09 -1.57
N SER A 172 -16.85 17.78 -0.91
CA SER A 172 -18.03 17.16 -0.30
C SER A 172 -17.61 16.06 0.69
N LEU A 173 -16.71 16.43 1.60
CA LEU A 173 -16.23 15.54 2.65
C LEU A 173 -16.68 16.07 4.01
N SER A 174 -16.35 15.32 5.06
CA SER A 174 -16.68 15.73 6.42
C SER A 174 -15.41 15.98 7.23
#